data_6KK2
#
_entry.id   6KK2
#
_cell.length_a   42.413
_cell.length_b   42.413
_cell.length_c   215.689
_cell.angle_alpha   90.000
_cell.angle_beta   90.000
_cell.angle_gamma   90.000
#
_symmetry.space_group_name_H-M   'P 43 2 2'
#
loop_
_entity.id
_entity.type
_entity.pdbx_description
1 polymer 'Serine protease subunit NS2B'
2 polymer 'NS3 protease'
3 non-polymer 1-[(10~{S},17~{S},20~{S})-17,20-bis(4-azanylbutyl)-4,9,16,19,22-pentakis(oxidanylidene)-3,8,15,18,21-pentazabicyclo[22.2.2]octacosa-1(27),24(28),25-trien-10-yl]guanidine
4 water water
#
loop_
_entity_poly.entity_id
_entity_poly.type
_entity_poly.pdbx_seq_one_letter_code
_entity_poly.pdbx_strand_id
1 'polypeptide(L)' MTGKSVDMYIERAGDITWEKDAEVTGNSPRLDVALDESGDFSLVEEDGPPMRE A
2 'polypeptide(L)'
;GSGALWDVPAPKEVKKGETTDGVYRVMTRRLLGSTQVGVGVMQEGVFHTMWHVTKGAALRSGEGRLDPYWGDVKQDLVSY
CGPWKLDAAWDGLSEVQLLAVPPGERAKNIQTLPGIFKTKDGDIGAVALDYPAGTSGSPILDKCGRVIGLYGNGVVIKNG
SYVSAITQGKREEETPVE
;
B
#
# COMPACT_ATOMS: atom_id res chain seq x y z
N ASP A 7 2.23 -12.33 17.46
CA ASP A 7 1.53 -12.86 16.30
C ASP A 7 0.56 -11.86 15.67
N MET A 8 0.77 -11.59 14.38
CA MET A 8 -0.07 -10.69 13.63
C MET A 8 -1.22 -11.46 13.00
N TYR A 9 -2.35 -10.78 12.87
CA TYR A 9 -3.53 -11.37 12.25
C TYR A 9 -4.16 -10.30 11.36
N ILE A 10 -4.98 -10.75 10.42
CA ILE A 10 -5.60 -9.85 9.46
C ILE A 10 -7.12 -9.91 9.63
N GLU A 11 -7.79 -8.79 9.35
CA GLU A 11 -9.24 -8.75 9.40
C GLU A 11 -9.76 -7.88 8.26
N ARG A 12 -10.82 -8.36 7.61
CA ARG A 12 -11.31 -7.75 6.40
C ARG A 12 -11.92 -6.39 6.70
N ALA A 13 -11.64 -5.41 5.83
CA ALA A 13 -12.08 -4.03 5.99
C ALA A 13 -12.88 -3.48 4.82
N GLY A 14 -13.04 -4.23 3.74
CA GLY A 14 -13.89 -3.76 2.65
C GLY A 14 -13.55 -4.42 1.31
N ASP A 15 -14.34 -4.01 0.32
CA ASP A 15 -14.11 -4.37 -1.07
C ASP A 15 -13.09 -3.42 -1.69
N ILE A 16 -12.59 -3.79 -2.85
CA ILE A 16 -11.65 -2.97 -3.62
C ILE A 16 -12.47 -2.37 -4.77
N THR A 17 -12.90 -1.11 -4.60
CA THR A 17 -13.85 -0.52 -5.53
C THR A 17 -13.59 0.98 -5.68
N TRP A 18 -13.79 1.48 -6.89
CA TRP A 18 -13.77 2.91 -7.13
C TRP A 18 -15.01 3.56 -6.54
N GLU A 19 -14.83 4.67 -5.84
CA GLU A 19 -15.95 5.42 -5.30
C GLU A 19 -16.21 6.64 -6.18
N LYS A 20 -17.36 6.64 -6.85
CA LYS A 20 -17.77 7.78 -7.69
C LYS A 20 -17.84 9.06 -6.88
N ASP A 21 -18.34 8.96 -5.64
CA ASP A 21 -18.57 10.12 -4.77
C ASP A 21 -17.39 10.36 -3.84
N ALA A 22 -16.16 10.18 -4.31
CA ALA A 22 -15.01 10.37 -3.44
C ALA A 22 -14.65 11.84 -3.36
N GLU A 23 -14.20 12.26 -2.18
CA GLU A 23 -13.56 13.57 -2.05
C GLU A 23 -12.19 13.55 -2.73
N VAL A 24 -11.82 14.69 -3.30
CA VAL A 24 -10.60 14.82 -4.08
C VAL A 24 -9.69 15.82 -3.39
N THR A 25 -8.46 15.40 -3.08
CA THR A 25 -7.51 16.32 -2.47
C THR A 25 -6.10 15.86 -2.83
N GLY A 26 -5.11 16.55 -2.26
CA GLY A 26 -3.72 16.26 -2.57
C GLY A 26 -3.25 16.86 -3.87
N ASN A 27 -2.02 17.36 -3.89
CA ASN A 27 -1.42 17.92 -5.09
C ASN A 27 -0.60 16.82 -5.78
N SER A 28 0.22 17.20 -6.77
CA SER A 28 0.93 16.24 -7.62
C SER A 28 2.37 16.71 -7.80
N PRO A 29 3.19 16.59 -6.76
CA PRO A 29 4.57 17.07 -6.87
C PRO A 29 5.47 16.16 -7.69
N ARG A 30 6.44 16.77 -8.37
CA ARG A 30 7.48 16.01 -9.05
C ARG A 30 8.78 16.14 -8.27
N LEU A 31 9.24 15.04 -7.69
CA LEU A 31 10.40 14.97 -6.82
C LEU A 31 11.47 14.09 -7.42
N ASP A 32 12.72 14.49 -7.25
CA ASP A 32 13.87 13.67 -7.63
C ASP A 32 14.36 12.95 -6.40
N VAL A 33 14.24 11.62 -6.40
CA VAL A 33 14.47 10.80 -5.23
C VAL A 33 15.47 9.69 -5.56
N ALA A 34 16.10 9.16 -4.51
CA ALA A 34 16.97 8.00 -4.63
C ALA A 34 16.41 6.87 -3.76
N LEU A 35 16.51 5.64 -4.26
CA LEU A 35 16.07 4.46 -3.52
C LEU A 35 17.29 3.67 -3.11
N ASP A 36 17.50 3.52 -1.79
CA ASP A 36 18.69 2.86 -1.29
C ASP A 36 18.47 1.34 -1.19
N GLU A 37 19.51 0.61 -0.80
CA GLU A 37 19.40 -0.84 -0.72
C GLU A 37 18.46 -1.30 0.39
N SER A 38 18.22 -0.45 1.39
CA SER A 38 17.30 -0.77 2.48
C SER A 38 15.84 -0.47 2.17
N GLY A 39 15.50 -0.05 0.95
CA GLY A 39 14.13 0.18 0.55
C GLY A 39 13.56 1.53 0.94
N ASP A 40 14.42 2.48 1.29
CA ASP A 40 14.01 3.80 1.76
C ASP A 40 14.26 4.83 0.67
N PHE A 41 13.28 5.69 0.44
CA PHE A 41 13.41 6.78 -0.51
C PHE A 41 14.03 7.99 0.16
N SER A 42 14.88 8.70 -0.58
CA SER A 42 15.45 9.93 -0.06
C SER A 42 15.36 11.00 -1.12
N LEU A 43 15.14 12.24 -0.69
CA LEU A 43 15.09 13.36 -1.60
C LEU A 43 16.50 13.79 -2.01
N VAL A 44 16.62 14.24 -3.26
CA VAL A 44 17.90 14.75 -3.75
C VAL A 44 17.69 16.14 -4.36
N GLU B 18 -10.58 -16.54 6.35
CA GLU B 18 -11.10 -15.72 5.26
C GLU B 18 -10.04 -15.41 4.20
N THR B 19 -10.32 -15.81 2.96
CA THR B 19 -9.48 -15.47 1.82
C THR B 19 -10.25 -14.67 0.77
N THR B 20 -11.43 -14.13 1.13
CA THR B 20 -12.21 -13.33 0.20
C THR B 20 -11.41 -12.11 -0.25
N ASP B 21 -11.43 -11.85 -1.57
CA ASP B 21 -10.79 -10.65 -2.12
C ASP B 21 -11.22 -9.42 -1.34
N GLY B 22 -10.32 -8.49 -1.16
CA GLY B 22 -10.68 -7.23 -0.53
C GLY B 22 -9.48 -6.64 0.19
N VAL B 23 -9.75 -5.62 0.98
CA VAL B 23 -8.71 -4.94 1.75
C VAL B 23 -8.82 -5.41 3.19
N TYR B 24 -7.67 -5.59 3.85
CA TYR B 24 -7.63 -6.18 5.18
C TYR B 24 -6.74 -5.33 6.08
N ARG B 25 -7.10 -5.27 7.37
CA ARG B 25 -6.22 -4.69 8.36
C ARG B 25 -5.22 -5.75 8.82
N VAL B 26 -4.00 -5.31 9.09
CA VAL B 26 -2.99 -6.16 9.72
C VAL B 26 -2.85 -5.69 11.16
N MET B 27 -3.18 -6.56 12.10
CA MET B 27 -3.26 -6.24 13.52
C MET B 27 -2.21 -7.04 14.28
N THR B 28 -1.73 -6.46 15.39
CA THR B 28 -0.86 -7.17 16.32
C THR B 28 -1.36 -6.97 17.74
N ARG B 29 -0.96 -7.89 18.61
CA ARG B 29 -1.19 -7.76 20.05
C ARG B 29 0.10 -7.79 20.85
N ARG B 30 1.26 -7.65 20.21
CA ARG B 30 2.52 -7.57 20.95
C ARG B 30 2.61 -6.28 21.76
N LEU B 31 1.81 -5.28 21.43
CA LEU B 31 1.81 -4.01 22.13
C LEU B 31 0.51 -3.82 22.91
N LEU B 32 0.29 -2.59 23.36
CA LEU B 32 -0.90 -2.29 24.15
C LEU B 32 -2.16 -2.48 23.31
N GLY B 33 -3.16 -3.14 23.90
CA GLY B 33 -4.39 -3.44 23.21
C GLY B 33 -4.16 -4.20 21.92
N SER B 34 -5.02 -3.96 20.94
CA SER B 34 -4.82 -4.44 19.59
C SER B 34 -4.45 -3.25 18.71
N THR B 35 -3.31 -3.35 18.04
CA THR B 35 -2.71 -2.29 17.26
C THR B 35 -2.72 -2.66 15.80
N GLN B 36 -3.15 -1.73 14.95
CA GLN B 36 -3.08 -1.91 13.52
C GLN B 36 -1.70 -1.46 13.06
N VAL B 37 -0.92 -2.40 12.53
CA VAL B 37 0.40 -2.06 12.03
C VAL B 37 0.41 -1.81 10.53
N GLY B 38 -0.65 -2.18 9.81
CA GLY B 38 -0.69 -1.94 8.38
C GLY B 38 -1.95 -2.47 7.74
N VAL B 39 -1.89 -2.56 6.41
CA VAL B 39 -3.01 -2.90 5.54
C VAL B 39 -2.52 -3.82 4.44
N GLY B 40 -3.44 -4.61 3.90
CA GLY B 40 -3.07 -5.45 2.76
C GLY B 40 -4.24 -5.71 1.84
N VAL B 41 -3.92 -6.33 0.70
CA VAL B 41 -4.89 -6.61 -0.34
C VAL B 41 -4.93 -8.12 -0.56
N MET B 42 -6.11 -8.71 -0.48
CA MET B 42 -6.31 -10.10 -0.85
C MET B 42 -6.81 -10.13 -2.29
N GLN B 43 -6.11 -10.88 -3.17
CA GLN B 43 -6.60 -11.04 -4.53
C GLN B 43 -6.10 -12.37 -5.07
N GLU B 44 -7.03 -13.14 -5.67
CA GLU B 44 -6.72 -14.45 -6.22
C GLU B 44 -6.01 -15.34 -5.19
N GLY B 45 -6.49 -15.32 -3.95
CA GLY B 45 -5.94 -16.17 -2.90
C GLY B 45 -4.55 -15.82 -2.42
N VAL B 46 -4.06 -14.61 -2.67
CA VAL B 46 -2.75 -14.17 -2.23
C VAL B 46 -2.92 -12.86 -1.47
N PHE B 47 -2.24 -12.76 -0.32
CA PHE B 47 -2.28 -11.56 0.49
C PHE B 47 -1.06 -10.71 0.17
N HIS B 48 -1.29 -9.44 -0.17
CA HIS B 48 -0.21 -8.54 -0.58
C HIS B 48 -0.10 -7.41 0.43
N THR B 49 1.10 -7.15 0.92
CA THR B 49 1.29 -5.96 1.76
C THR B 49 2.72 -5.46 1.59
N MET B 50 3.07 -4.45 2.37
CA MET B 50 4.43 -3.92 2.32
C MET B 50 5.32 -4.64 3.31
N TRP B 51 6.59 -4.78 2.92
CA TRP B 51 7.54 -5.51 3.75
C TRP B 51 7.62 -4.91 5.16
N HIS B 52 7.67 -3.58 5.26
CA HIS B 52 7.92 -3.00 6.57
C HIS B 52 6.73 -3.18 7.51
N VAL B 53 5.58 -3.64 7.00
CA VAL B 53 4.44 -3.88 7.87
C VAL B 53 4.66 -5.15 8.69
N THR B 54 5.01 -6.24 8.02
CA THR B 54 5.11 -7.55 8.65
C THR B 54 6.54 -8.01 8.84
N LYS B 55 7.48 -7.41 8.12
CA LYS B 55 8.88 -7.85 8.06
C LYS B 55 9.00 -9.32 7.69
N GLY B 56 8.09 -9.78 6.83
CA GLY B 56 8.13 -11.15 6.36
C GLY B 56 7.59 -12.18 7.34
N ALA B 57 6.98 -11.74 8.44
CA ALA B 57 6.44 -12.65 9.44
C ALA B 57 5.15 -13.34 8.96
N ALA B 58 4.96 -14.56 9.48
CA ALA B 58 3.71 -15.31 9.35
C ALA B 58 2.53 -14.48 9.82
N LEU B 59 1.36 -14.77 9.23
CA LEU B 59 0.13 -14.08 9.58
C LEU B 59 -0.95 -15.11 9.86
N ARG B 60 -1.92 -14.71 10.67
CA ARG B 60 -3.06 -15.54 11.03
C ARG B 60 -4.32 -14.98 10.41
N SER B 61 -5.15 -15.85 9.85
CA SER B 61 -6.47 -15.46 9.36
C SER B 61 -7.47 -16.38 10.05
N GLY B 62 -8.04 -15.90 11.15
CA GLY B 62 -8.95 -16.71 11.93
C GLY B 62 -8.30 -17.97 12.44
N GLU B 63 -8.70 -19.11 11.89
CA GLU B 63 -8.11 -20.39 12.27
C GLU B 63 -6.95 -20.80 11.36
N GLY B 64 -6.82 -20.17 10.19
CA GLY B 64 -5.78 -20.54 9.25
C GLY B 64 -4.52 -19.71 9.40
N ARG B 65 -3.49 -20.13 8.66
CA ARG B 65 -2.16 -19.54 8.74
C ARG B 65 -1.66 -19.18 7.35
N LEU B 66 -1.24 -17.92 7.17
CA LEU B 66 -0.67 -17.44 5.92
C LEU B 66 0.85 -17.35 6.09
N ASP B 67 1.61 -18.14 5.29
CA ASP B 67 3.05 -17.90 5.44
C ASP B 67 3.64 -17.19 4.23
N PRO B 68 4.81 -16.55 4.39
CA PRO B 68 5.33 -15.74 3.29
C PRO B 68 5.73 -16.59 2.10
N TYR B 69 5.52 -16.03 0.92
CA TYR B 69 5.85 -16.72 -0.32
C TYR B 69 6.91 -15.98 -1.11
N TRP B 70 6.81 -14.64 -1.18
CA TRP B 70 7.79 -13.83 -1.88
C TRP B 70 7.92 -12.49 -1.16
N GLY B 71 9.15 -11.97 -1.07
CA GLY B 71 9.39 -10.67 -0.48
C GLY B 71 10.68 -10.05 -0.96
N ASP B 72 10.73 -8.71 -0.89
CA ASP B 72 11.89 -7.95 -1.33
C ASP B 72 11.93 -6.64 -0.54
N VAL B 73 12.94 -6.49 0.31
CA VAL B 73 13.06 -5.28 1.12
C VAL B 73 13.24 -4.04 0.24
N LYS B 74 13.94 -4.18 -0.89
CA LYS B 74 14.23 -2.97 -1.67
C LYS B 74 12.95 -2.40 -2.26
N GLN B 75 12.09 -3.30 -2.78
CA GLN B 75 10.76 -2.92 -3.24
C GLN B 75 9.82 -2.62 -2.09
N ASP B 76 10.11 -3.14 -0.88
CA ASP B 76 9.24 -2.99 0.29
C ASP B 76 7.86 -3.63 0.06
N LEU B 77 7.87 -4.86 -0.48
CA LEU B 77 6.64 -5.63 -0.72
C LEU B 77 6.82 -7.06 -0.25
N VAL B 78 5.71 -7.73 0.07
CA VAL B 78 5.74 -9.14 0.43
C VAL B 78 4.40 -9.76 0.07
N SER B 79 4.43 -11.03 -0.34
CA SER B 79 3.22 -11.75 -0.73
C SER B 79 3.12 -13.03 0.07
N TYR B 80 1.89 -13.40 0.42
CA TYR B 80 1.57 -14.57 1.22
C TYR B 80 0.72 -15.52 0.41
N CYS B 81 0.98 -16.82 0.59
CA CYS B 81 0.30 -17.95 0.00
C CYS B 81 0.54 -18.09 -1.50
N GLY B 82 1.38 -17.24 -2.10
CA GLY B 82 1.61 -17.30 -3.53
C GLY B 82 2.32 -16.07 -4.07
N PRO B 83 2.59 -16.07 -5.38
CA PRO B 83 3.33 -14.95 -5.98
C PRO B 83 2.47 -13.71 -6.15
N TRP B 84 3.17 -12.57 -6.18
CA TRP B 84 2.55 -11.26 -6.41
C TRP B 84 1.57 -11.31 -7.58
N LYS B 85 0.31 -10.91 -7.33
CA LYS B 85 -0.73 -11.00 -8.35
C LYS B 85 -1.13 -9.67 -8.97
N LEU B 86 -0.73 -8.55 -8.37
CA LEU B 86 -1.21 -7.23 -8.81
C LEU B 86 -0.26 -6.67 -9.87
N ASP B 87 -0.79 -6.45 -11.07
CA ASP B 87 0.04 -6.02 -12.20
C ASP B 87 -0.49 -4.77 -12.93
N ALA B 88 -1.60 -4.18 -12.49
CA ALA B 88 -2.04 -2.93 -13.09
C ALA B 88 -1.09 -1.80 -12.73
N ALA B 89 -1.13 -0.73 -13.53
CA ALA B 89 -0.21 0.38 -13.31
C ALA B 89 -0.89 1.69 -13.67
N TRP B 90 -0.42 2.75 -13.01
CA TRP B 90 -0.92 4.08 -13.31
C TRP B 90 -0.83 4.31 -14.80
N ASP B 91 -1.97 4.63 -15.41
CA ASP B 91 -2.01 4.77 -16.86
C ASP B 91 -1.14 5.94 -17.29
N GLY B 92 -0.53 6.60 -16.31
CA GLY B 92 0.06 7.90 -16.52
C GLY B 92 -0.90 9.04 -16.28
N LEU B 93 -2.05 9.04 -16.92
CA LEU B 93 -2.79 10.29 -17.02
C LEU B 93 -3.92 10.41 -16.02
N SER B 94 -4.61 9.35 -15.68
CA SER B 94 -5.85 9.51 -14.90
C SER B 94 -5.58 9.86 -13.43
N GLU B 95 -6.57 10.51 -12.81
CA GLU B 95 -6.57 10.56 -11.36
C GLU B 95 -6.79 9.15 -10.79
N VAL B 96 -6.37 8.94 -9.54
CA VAL B 96 -6.46 7.64 -8.87
C VAL B 96 -7.22 7.81 -7.55
N GLN B 97 -7.37 6.71 -6.81
CA GLN B 97 -7.98 6.73 -5.51
C GLN B 97 -7.16 5.91 -4.52
N LEU B 98 -6.84 6.51 -3.38
CA LEU B 98 -6.31 5.75 -2.24
C LEU B 98 -7.49 5.22 -1.44
N LEU B 99 -7.57 3.89 -1.33
CA LEU B 99 -8.54 3.27 -0.45
C LEU B 99 -7.86 3.14 0.91
N ALA B 100 -7.91 4.25 1.65
CA ALA B 100 -7.23 4.35 2.93
C ALA B 100 -7.99 3.59 3.99
N VAL B 101 -7.28 2.77 4.76
CA VAL B 101 -7.89 2.08 5.90
C VAL B 101 -7.14 2.49 7.16
N PRO B 102 -7.44 3.66 7.73
CA PRO B 102 -6.68 4.14 8.88
C PRO B 102 -7.02 3.32 10.10
N PRO B 103 -6.11 3.23 11.07
CA PRO B 103 -6.38 2.42 12.27
C PRO B 103 -7.63 2.91 12.99
N GLY B 104 -8.48 1.97 13.41
CA GLY B 104 -9.71 2.27 14.12
C GLY B 104 -10.72 3.10 13.35
N GLU B 105 -10.49 3.32 12.05
CA GLU B 105 -11.44 4.11 11.26
C GLU B 105 -11.85 3.34 10.02
N ARG B 106 -13.00 3.70 9.45
CA ARG B 106 -13.51 2.93 8.34
C ARG B 106 -12.74 3.25 7.06
N ALA B 107 -12.73 2.25 6.18
CA ALA B 107 -12.12 2.39 4.89
C ALA B 107 -12.76 3.55 4.14
N LYS B 108 -11.92 4.34 3.49
CA LYS B 108 -12.36 5.58 2.88
C LYS B 108 -11.59 5.81 1.59
N ASN B 109 -12.30 6.12 0.50
CA ASN B 109 -11.67 6.41 -0.78
C ASN B 109 -11.29 7.89 -0.87
N ILE B 110 -10.05 8.16 -1.27
CA ILE B 110 -9.57 9.53 -1.47
C ILE B 110 -9.06 9.64 -2.89
N GLN B 111 -9.58 10.59 -3.64
CA GLN B 111 -9.20 10.73 -5.05
C GLN B 111 -8.12 11.80 -5.18
N THR B 112 -7.10 11.50 -6.00
CA THR B 112 -6.00 12.43 -6.12
C THR B 112 -5.34 12.25 -7.49
N LEU B 113 -4.60 13.27 -7.90
CA LEU B 113 -3.78 13.14 -9.11
C LEU B 113 -2.34 12.87 -8.72
N PRO B 114 -1.80 11.71 -9.07
CA PRO B 114 -0.43 11.40 -8.60
C PRO B 114 0.58 12.44 -9.11
N GLY B 115 1.57 12.73 -8.27
CA GLY B 115 2.81 13.31 -8.72
C GLY B 115 3.74 12.20 -9.18
N ILE B 116 5.02 12.54 -9.32
CA ILE B 116 5.99 11.63 -9.90
C ILE B 116 7.27 11.61 -9.07
N PHE B 117 7.74 10.42 -8.71
CA PHE B 117 9.11 10.23 -8.25
C PHE B 117 9.96 9.94 -9.47
N LYS B 118 10.94 10.80 -9.73
CA LYS B 118 11.84 10.60 -10.87
C LYS B 118 13.16 10.07 -10.32
N THR B 119 13.46 8.82 -10.62
CA THR B 119 14.68 8.18 -10.14
C THR B 119 15.64 7.98 -11.30
N LYS B 120 16.87 7.56 -10.96
CA LYS B 120 17.83 7.21 -12.00
C LYS B 120 17.40 5.95 -12.75
N ASP B 121 16.44 5.21 -12.21
CA ASP B 121 15.94 3.98 -12.82
C ASP B 121 14.60 4.16 -13.51
N GLY B 122 14.03 5.37 -13.51
CA GLY B 122 12.77 5.66 -14.16
C GLY B 122 11.83 6.39 -13.23
N ASP B 123 10.63 6.64 -13.72
CA ASP B 123 9.64 7.41 -12.98
C ASP B 123 8.60 6.50 -12.34
N ILE B 124 8.20 6.86 -11.12
CA ILE B 124 7.12 6.20 -10.40
C ILE B 124 6.09 7.24 -9.99
N GLY B 125 4.81 6.93 -10.18
CA GLY B 125 3.77 7.75 -9.61
C GLY B 125 3.92 7.87 -8.10
N ALA B 126 3.42 8.97 -7.57
CA ALA B 126 3.48 9.20 -6.13
C ALA B 126 2.25 9.97 -5.69
N VAL B 127 1.74 9.69 -4.50
CA VAL B 127 0.53 10.34 -4.00
C VAL B 127 0.88 11.17 -2.77
N ALA B 128 0.45 12.45 -2.78
CA ALA B 128 0.73 13.36 -1.68
C ALA B 128 -0.48 13.34 -0.73
N LEU B 129 -0.54 12.28 0.06
CA LEU B 129 -1.58 12.05 1.06
C LEU B 129 -0.92 11.56 2.35
N ASP B 130 -1.33 12.12 3.47
CA ASP B 130 -0.72 11.87 4.77
C ASP B 130 -1.72 11.11 5.64
N TYR B 131 -1.37 9.90 6.03
CA TYR B 131 -2.19 9.07 6.91
C TYR B 131 -1.30 8.47 7.97
N PRO B 132 -1.85 7.99 9.09
CA PRO B 132 -1.03 7.38 10.13
C PRO B 132 -0.24 6.19 9.60
N ALA B 133 0.84 5.87 10.31
CA ALA B 133 1.75 4.84 9.86
C ALA B 133 1.03 3.52 9.64
N GLY B 134 0.08 3.19 10.52
CA GLY B 134 -0.67 1.95 10.39
C GLY B 134 -1.55 1.87 9.16
N THR B 135 -1.49 2.88 8.30
CA THR B 135 -2.22 2.82 7.03
C THR B 135 -1.37 2.25 5.91
N SER B 136 -0.07 2.01 6.16
CA SER B 136 0.82 1.39 5.17
C SER B 136 0.24 0.08 4.66
N GLY B 137 0.23 -0.06 3.33
CA GLY B 137 -0.35 -1.21 2.67
C GLY B 137 -1.70 -0.95 2.03
N SER B 138 -2.25 0.24 2.21
CA SER B 138 -3.56 0.56 1.64
C SER B 138 -3.47 0.62 0.12
N PRO B 139 -4.40 0.00 -0.60
CA PRO B 139 -4.28 -0.01 -2.07
C PRO B 139 -4.60 1.35 -2.69
N ILE B 140 -3.85 1.66 -3.75
CA ILE B 140 -4.22 2.72 -4.70
C ILE B 140 -4.82 2.04 -5.92
N LEU B 141 -5.91 2.60 -6.45
CA LEU B 141 -6.67 1.98 -7.52
C LEU B 141 -6.83 2.93 -8.69
N ASP B 142 -6.93 2.36 -9.90
CA ASP B 142 -7.33 3.14 -11.06
C ASP B 142 -8.86 3.14 -11.20
N LYS B 143 -9.35 3.83 -12.23
CA LYS B 143 -10.79 4.02 -12.36
C LYS B 143 -11.52 2.71 -12.61
N CYS B 144 -10.88 1.76 -13.27
CA CYS B 144 -11.52 0.48 -13.55
C CYS B 144 -11.48 -0.46 -12.34
N GLY B 145 -11.09 0.04 -11.16
CA GLY B 145 -11.05 -0.75 -9.94
C GLY B 145 -9.81 -1.60 -9.70
N ARG B 146 -8.80 -1.52 -10.55
CA ARG B 146 -7.60 -2.37 -10.38
C ARG B 146 -6.60 -1.71 -9.43
N VAL B 147 -5.97 -2.53 -8.58
CA VAL B 147 -4.94 -2.06 -7.65
C VAL B 147 -3.67 -1.77 -8.44
N ILE B 148 -3.23 -0.51 -8.42
CA ILE B 148 -2.04 -0.13 -9.17
C ILE B 148 -0.82 0.03 -8.27
N GLY B 149 -0.98 -0.16 -6.97
CA GLY B 149 0.15 -0.22 -6.06
C GLY B 149 -0.36 -0.04 -4.66
N LEU B 150 0.59 -0.06 -3.72
CA LEU B 150 0.30 0.10 -2.30
C LEU B 150 0.95 1.37 -1.78
N TYR B 151 0.33 1.93 -0.72
CA TYR B 151 0.73 3.20 -0.14
C TYR B 151 1.59 2.98 1.10
N GLY B 152 2.47 3.95 1.37
CA GLY B 152 3.18 3.92 2.64
C GLY B 152 4.69 3.88 2.60
N ASN B 153 5.30 3.88 1.41
CA ASN B 153 6.74 4.04 1.28
C ASN B 153 7.02 5.30 0.47
N GLY B 154 7.60 6.32 1.11
CA GLY B 154 7.91 7.54 0.40
C GLY B 154 8.92 8.44 1.09
N VAL B 155 8.72 9.76 0.97
CA VAL B 155 9.62 10.77 1.51
C VAL B 155 8.81 11.83 2.24
N VAL B 156 9.51 12.65 3.01
CA VAL B 156 8.96 13.85 3.62
C VAL B 156 9.69 15.03 3.00
N ILE B 157 8.93 15.99 2.45
CA ILE B 157 9.58 17.03 1.67
C ILE B 157 9.65 18.33 2.47
N LYS B 158 10.10 19.41 1.80
CA LYS B 158 10.42 20.66 2.47
C LYS B 158 9.39 21.09 3.50
N ASN B 159 8.10 21.13 3.11
CA ASN B 159 7.03 21.57 4.00
C ASN B 159 6.83 20.64 5.19
N GLY B 160 7.29 19.39 5.11
CA GLY B 160 7.12 18.43 6.17
C GLY B 160 6.00 17.44 5.99
N SER B 161 5.22 17.55 4.93
CA SER B 161 4.21 16.52 4.70
C SER B 161 4.77 15.38 3.86
N TYR B 162 3.99 14.31 3.78
CA TYR B 162 4.42 13.02 3.27
C TYR B 162 3.98 12.84 1.81
N VAL B 163 4.86 12.23 1.02
CA VAL B 163 4.54 11.82 -0.35
C VAL B 163 4.92 10.36 -0.48
N SER B 164 3.94 9.50 -0.76
CA SER B 164 4.17 8.07 -0.88
C SER B 164 4.31 7.67 -2.34
N ALA B 165 5.29 6.82 -2.62
CA ALA B 165 5.33 6.18 -3.94
C ALA B 165 4.09 5.32 -4.13
N ILE B 166 3.68 5.15 -5.40
CA ILE B 166 2.73 4.11 -5.77
C ILE B 166 3.57 2.85 -6.01
N THR B 167 3.68 2.00 -4.98
CA THR B 167 4.62 0.87 -5.00
C THR B 167 3.94 -0.38 -5.56
N GLN B 168 4.42 -0.86 -6.72
CA GLN B 168 3.83 -2.02 -7.38
C GLN B 168 4.89 -3.08 -7.64
N GLY B 169 4.46 -4.33 -7.60
CA GLY B 169 5.32 -5.45 -7.86
C GLY B 169 5.24 -5.90 -9.32
N LYS B 170 5.97 -6.98 -9.61
CA LYS B 170 6.00 -7.59 -10.94
C LYS B 170 5.30 -8.95 -10.88
N ARG B 171 4.31 -9.15 -11.75
CA ARG B 171 3.56 -10.39 -11.81
C ARG B 171 4.32 -11.45 -12.60
N GLU B 172 4.14 -12.71 -12.19
CA GLU B 172 4.87 -13.85 -12.77
C GLU B 172 6.38 -13.66 -12.67
#